data_2X2L
#
_entry.id   2X2L
#
_cell.length_a   71.999
_cell.length_b   70.685
_cell.length_c   71.573
_cell.angle_alpha   90.00
_cell.angle_beta   110.35
_cell.angle_gamma   90.00
#
_symmetry.space_group_name_H-M   'C 1 2 1'
#
loop_
_entity.id
_entity.type
_entity.pdbx_description
1 polymer 'PROTO-ONCOGENE TYROSINE-PROTEIN KINASE RECEPTOR RET'
2 non-polymer 'FORMIC ACID'
3 non-polymer (3Z)-5-AMINO-3-[(4-METHOXYPHENYL)METHYLIDENE]-1,3-DIHYDRO-2H-INDOL-2-ONE
4 water water
#
_entity_poly.entity_id   1
_entity_poly.type   'polypeptide(L)'
_entity_poly.pdbx_seq_one_letter_code
;GPLSLSVDAFKILEDPKWEFPRKNLVLGKTLGEGEFGKVVKATAFHLKGRAGYTTVAVKMLKENASPSELRDLLSEFNVL
KQVNHPHVIKLYGACSQDGPLLLIVEYAKYGSLRGFLRESRKVGPGYLGSGGSRNSSSLDHPDERALTMGDLISFAWQIS
QGMQYLAEMKLVHRDLAARNILVAEGRKMKISDFGLSRDVYEEDS(PTR)VKRSQGRIPVKWMAIESLFDHIYTTQSDVW
SFGVLLWEIVTLGGNPYPGIPPERLFNLLKTGHRMERPDNCSEEMYRLMLQCWKQEPDKRPVFADISKDLEKMMVKRR
;
_entity_poly.pdbx_strand_id   A
#
loop_
_chem_comp.id
_chem_comp.type
_chem_comp.name
_chem_comp.formula
FMT non-polymer 'FORMIC ACID' 'C H2 O2'
X2L non-polymer (3Z)-5-AMINO-3-[(4-METHOXYPHENYL)METHYLIDENE]-1,3-DIHYDRO-2H-INDOL-2-ONE 'C16 H14 N2 O2'
#
# COMPACT_ATOMS: atom_id res chain seq x y z
N GLY A 1 22.15 14.86 -10.19
CA GLY A 1 21.78 13.44 -10.44
C GLY A 1 20.30 13.37 -10.70
N PRO A 2 19.76 12.15 -10.85
CA PRO A 2 18.31 12.06 -11.07
C PRO A 2 17.55 12.82 -10.01
N LEU A 3 18.04 12.85 -8.76
CA LEU A 3 17.27 13.51 -7.68
C LEU A 3 17.29 15.03 -7.74
N SER A 4 18.48 15.62 -7.85
CA SER A 4 18.59 17.08 -7.97
C SER A 4 17.80 17.61 -9.17
N LEU A 5 17.72 16.81 -10.25
CA LEU A 5 16.90 17.16 -11.41
C LEU A 5 15.41 17.22 -11.07
N SER A 6 14.93 16.20 -10.35
CA SER A 6 13.53 16.17 -9.90
C SER A 6 13.14 17.28 -8.96
N VAL A 7 14.06 17.61 -8.06
CA VAL A 7 13.83 18.60 -7.01
C VAL A 7 13.73 19.99 -7.64
N ASP A 8 14.62 20.26 -8.58
CA ASP A 8 14.62 21.56 -9.28
C ASP A 8 13.44 21.70 -10.23
N ALA A 9 13.11 20.64 -10.97
CA ALA A 9 11.92 20.64 -11.82
C ALA A 9 10.65 20.79 -10.99
N PHE A 10 10.66 20.20 -9.79
CA PHE A 10 9.53 20.31 -8.85
C PHE A 10 9.43 21.72 -8.32
N LYS A 11 10.55 22.33 -7.95
CA LYS A 11 10.55 23.70 -7.42
C LYS A 11 10.19 24.76 -8.49
N ILE A 12 10.27 24.36 -9.76
CA ILE A 12 9.93 25.27 -10.87
C ILE A 12 8.48 25.07 -11.33
N LEU A 13 7.95 23.86 -11.14
CA LEU A 13 6.60 23.49 -11.60
C LEU A 13 5.50 24.39 -11.01
N PRO A 16 0.53 23.75 -10.09
CA PRO A 16 -0.86 23.73 -10.57
C PRO A 16 -1.92 23.96 -9.49
N LYS A 17 -3.00 23.18 -9.62
CA LYS A 17 -4.12 23.07 -8.71
C LYS A 17 -3.82 22.00 -7.66
N TRP A 18 -2.53 21.71 -7.44
CA TRP A 18 -2.17 20.83 -6.34
C TRP A 18 -1.60 21.63 -5.19
N GLU A 19 -1.21 22.88 -5.44
CA GLU A 19 -0.57 23.68 -4.41
C GLU A 19 -1.61 24.20 -3.40
N PHE A 20 -1.23 24.23 -2.13
CA PHE A 20 -2.11 24.61 -1.05
C PHE A 20 -1.39 25.61 -0.17
N PRO A 21 -2.07 26.70 0.27
CA PRO A 21 -1.32 27.62 1.12
C PRO A 21 -0.86 26.94 2.42
N ARG A 22 0.42 27.04 2.75
CA ARG A 22 0.88 26.50 4.05
C ARG A 22 0.15 27.17 5.25
N LYS A 23 -0.21 28.46 5.08
CA LYS A 23 -0.97 29.17 6.16
C LYS A 23 -2.35 28.56 6.50
N ASN A 24 -2.94 27.86 5.54
CA ASN A 24 -4.23 27.21 5.69
C ASN A 24 -4.21 25.77 6.25
N LEU A 25 -3.01 25.28 6.52
CA LEU A 25 -2.85 23.93 7.05
C LEU A 25 -2.41 23.97 8.49
N VAL A 26 -3.07 23.19 9.35
CA VAL A 26 -2.62 23.10 10.74
C VAL A 26 -2.27 21.68 11.13
N LEU A 27 -1.02 21.47 11.57
CA LEU A 27 -0.58 20.11 11.92
C LEU A 27 -0.90 19.74 13.36
N GLY A 28 -1.16 18.45 13.56
CA GLY A 28 -1.50 17.93 14.90
C GLY A 28 -0.72 16.65 15.22
N LYS A 29 -1.32 15.72 15.95
CA LYS A 29 -0.54 14.58 16.45
C LYS A 29 0.00 13.68 15.34
N THR A 30 1.06 12.95 15.68
CA THR A 30 1.65 11.98 14.78
C THR A 30 0.77 10.74 14.75
N LEU A 31 0.45 10.26 13.55
CA LEU A 31 -0.39 9.10 13.42
C LEU A 31 0.47 7.87 13.19
N GLY A 32 1.61 8.06 12.55
CA GLY A 32 2.42 6.93 12.13
C GLY A 32 3.75 7.36 11.57
N GLU A 33 4.71 6.46 11.67
CA GLU A 33 6.01 6.65 11.09
C GLU A 33 6.43 5.38 10.41
N GLY A 34 7.72 5.11 10.52
CA GLY A 34 8.29 3.92 9.90
C GLY A 34 9.20 4.31 8.76
N GLU A 35 9.02 3.61 7.64
CA GLU A 35 9.97 3.73 6.54
C GLU A 35 9.52 4.77 5.51
N PHE A 36 10.47 5.62 5.14
CA PHE A 36 10.27 6.69 4.16
C PHE A 36 9.70 8.01 4.75
N GLY A 37 8.56 7.95 5.45
CA GLY A 37 7.98 9.17 6.05
C GLY A 37 7.30 9.15 7.41
N LYS A 38 6.83 10.34 7.78
CA LYS A 38 5.98 10.54 8.96
C LYS A 38 4.60 10.94 8.43
N VAL A 39 3.53 10.56 9.11
CA VAL A 39 2.15 11.00 8.80
C VAL A 39 1.55 11.64 10.04
N VAL A 40 1.15 12.91 9.97
CA VAL A 40 0.50 13.60 11.08
C VAL A 40 -0.96 13.95 10.75
N LYS A 41 -1.82 13.93 11.76
CA LYS A 41 -3.21 14.39 11.59
C LYS A 41 -3.12 15.89 11.38
N ALA A 42 -3.97 16.46 10.51
CA ALA A 42 -3.98 17.87 10.28
C ALA A 42 -5.38 18.34 9.96
N THR A 43 -5.49 19.65 9.83
CA THR A 43 -6.75 20.22 9.38
C THR A 43 -6.37 21.30 8.38
N ALA A 44 -7.19 21.39 7.33
CA ALA A 44 -6.90 22.32 6.22
C ALA A 44 -8.05 23.28 5.99
N PHE A 45 -7.77 24.57 5.94
CA PHE A 45 -8.80 25.58 5.74
C PHE A 45 -9.05 25.83 4.25
N HIS A 46 -10.32 25.73 3.87
CA HIS A 46 -10.78 26.01 2.53
C HIS A 46 -10.01 25.15 1.56
N LEU A 47 -10.19 23.85 1.68
CA LEU A 47 -9.42 22.85 0.93
C LEU A 47 -10.23 22.47 -0.31
N LYS A 48 -9.69 22.78 -1.48
CA LYS A 48 -10.31 22.38 -2.75
C LYS A 48 -11.83 22.48 -2.79
N GLY A 49 -12.31 23.69 -2.57
CA GLY A 49 -13.73 24.00 -2.68
C GLY A 49 -14.53 23.79 -1.41
N ARG A 50 -13.95 23.13 -0.40
CA ARG A 50 -14.72 22.79 0.79
C ARG A 50 -14.64 23.93 1.78
N ALA A 51 -15.80 24.50 2.11
CA ALA A 51 -15.90 25.60 3.09
C ALA A 51 -15.42 25.17 4.49
N GLY A 52 -14.73 26.05 5.20
CA GLY A 52 -14.24 25.73 6.55
C GLY A 52 -13.04 24.76 6.56
N TYR A 53 -12.86 24.07 7.69
CA TYR A 53 -11.80 23.07 7.85
C TYR A 53 -12.21 21.66 7.42
N THR A 54 -11.28 20.94 6.79
CA THR A 54 -11.40 19.51 6.58
C THR A 54 -10.20 18.89 7.28
N THR A 55 -10.49 17.85 8.04
CA THR A 55 -9.53 17.04 8.73
C THR A 55 -8.85 16.20 7.67
N VAL A 56 -7.50 16.26 7.65
CA VAL A 56 -6.67 15.58 6.66
C VAL A 56 -5.48 14.88 7.27
N ALA A 57 -4.77 14.10 6.47
CA ALA A 57 -3.50 13.56 6.91
C ALA A 57 -2.45 14.17 6.05
N VAL A 58 -1.29 14.36 6.67
CA VAL A 58 -0.15 15.04 6.09
C VAL A 58 1.08 14.13 6.20
N LYS A 59 1.57 13.76 5.03
CA LYS A 59 2.79 12.94 4.87
C LYS A 59 3.99 13.86 4.64
N MET A 60 5.04 13.67 5.42
CA MET A 60 6.24 14.47 5.31
C MET A 60 7.50 13.61 5.53
N LEU A 61 8.65 14.20 5.28
CA LEU A 61 9.95 13.56 5.59
C LEU A 61 10.21 13.54 7.09
N LYS A 62 10.59 12.36 7.58
CA LYS A 62 11.05 12.21 8.96
C LYS A 62 12.35 12.99 9.12
N GLU A 63 12.89 13.02 10.32
CA GLU A 63 14.17 13.70 10.59
C GLU A 63 15.31 12.98 9.89
N ASN A 64 16.22 13.75 9.31
CA ASN A 64 17.45 13.17 8.82
C ASN A 64 17.16 12.31 7.59
N ALA A 65 16.32 12.82 6.68
CA ALA A 65 15.93 12.05 5.47
C ALA A 65 17.10 11.91 4.53
N SER A 66 17.16 10.75 3.91
CA SER A 66 18.15 10.36 2.93
C SER A 66 17.60 10.76 1.57
N PRO A 67 18.48 10.87 0.55
CA PRO A 67 18.03 11.13 -0.83
C PRO A 67 16.96 10.13 -1.27
N SER A 68 17.10 8.91 -0.82
CA SER A 68 16.11 7.89 -1.09
C SER A 68 14.69 8.17 -0.58
N GLU A 69 14.57 8.80 0.60
CA GLU A 69 13.24 9.02 1.21
C GLU A 69 12.62 10.23 0.54
N LEU A 70 13.44 11.22 0.26
CA LEU A 70 13.00 12.34 -0.57
C LEU A 70 12.55 11.96 -1.96
N ARG A 71 13.34 11.18 -2.67
CA ARG A 71 12.90 10.53 -3.88
C ARG A 71 11.51 9.80 -3.74
N ASP A 72 11.36 8.95 -2.73
CA ASP A 72 10.06 8.27 -2.49
C ASP A 72 8.92 9.25 -2.22
N LEU A 73 9.20 10.37 -1.53
CA LEU A 73 8.11 11.34 -1.25
C LEU A 73 7.64 11.99 -2.56
N LEU A 74 8.57 12.38 -3.41
CA LEU A 74 8.20 13.08 -4.65
C LEU A 74 7.51 12.15 -5.63
N SER A 75 7.91 10.89 -5.60
CA SER A 75 7.36 9.90 -6.45
C SER A 75 5.90 9.54 -6.07
N GLU A 76 5.68 9.41 -4.76
CA GLU A 76 4.36 9.16 -4.22
C GLU A 76 3.45 10.32 -4.65
N PHE A 77 3.96 11.55 -4.58
CA PHE A 77 3.20 12.70 -5.02
C PHE A 77 2.88 12.60 -6.50
N ASN A 78 3.87 12.26 -7.33
CA ASN A 78 3.65 12.12 -8.78
C ASN A 78 2.64 11.03 -9.10
N VAL A 79 2.72 9.91 -8.40
CA VAL A 79 1.78 8.83 -8.58
C VAL A 79 0.33 9.24 -8.14
N LEU A 80 0.17 9.69 -6.89
CA LEU A 80 -1.16 10.04 -6.37
C LEU A 80 -1.96 11.04 -7.19
N LYS A 81 -1.28 11.96 -7.87
CA LYS A 81 -1.94 12.91 -8.81
C LYS A 81 -2.65 12.29 -10.00
N GLN A 82 -2.21 11.09 -10.40
CA GLN A 82 -2.70 10.40 -11.60
C GLN A 82 -3.79 9.42 -11.24
N VAL A 83 -3.92 9.10 -9.96
CA VAL A 83 -4.74 7.99 -9.49
C VAL A 83 -6.02 8.47 -8.78
N ASN A 84 -7.13 7.74 -9.03
CA ASN A 84 -8.45 8.05 -8.49
C ASN A 84 -9.31 6.84 -8.45
N HIS A 85 -9.76 6.44 -7.27
CA HIS A 85 -10.52 5.20 -7.12
C HIS A 85 -11.09 5.10 -5.71
N PRO A 86 -12.29 4.55 -5.56
CA PRO A 86 -12.79 4.52 -4.16
C PRO A 86 -11.98 3.70 -3.18
N HIS A 87 -11.01 2.92 -3.66
CA HIS A 87 -10.20 2.10 -2.76
C HIS A 87 -8.71 2.43 -2.82
N VAL A 88 -8.44 3.65 -3.22
CA VAL A 88 -7.10 4.19 -3.26
C VAL A 88 -7.18 5.55 -2.53
N ILE A 89 -6.22 5.77 -1.64
CA ILE A 89 -6.08 7.02 -0.92
C ILE A 89 -6.14 8.23 -1.86
N LYS A 90 -6.81 9.28 -1.40
CA LYS A 90 -7.05 10.47 -2.21
C LYS A 90 -6.05 11.52 -1.81
N LEU A 91 -5.53 12.19 -2.83
CA LEU A 91 -4.63 13.28 -2.66
C LEU A 91 -5.43 14.58 -2.81
N TYR A 92 -5.12 15.54 -1.96
CA TYR A 92 -5.74 16.84 -2.04
C TYR A 92 -4.75 17.87 -2.56
N GLY A 93 -3.48 17.75 -2.19
CA GLY A 93 -2.52 18.74 -2.59
C GLY A 93 -1.17 18.62 -1.91
N ALA A 94 -0.36 19.66 -2.01
CA ALA A 94 0.89 19.64 -1.31
C ALA A 94 1.25 21.04 -0.95
N CYS A 95 2.17 21.16 -0.01
CA CYS A 95 2.80 22.43 0.32
C CYS A 95 4.27 22.25 0.06
N SER A 96 4.83 23.05 -0.83
CA SER A 96 6.27 23.00 -1.15
C SER A 96 7.04 24.33 -1.02
N GLN A 97 6.36 25.45 -0.80
CA GLN A 97 6.96 26.77 -1.06
C GLN A 97 7.87 27.32 0.04
N ASP A 98 7.33 27.46 1.26
CA ASP A 98 8.06 28.19 2.31
C ASP A 98 8.31 27.33 3.55
N GLY A 99 8.86 26.14 3.30
CA GLY A 99 9.07 25.18 4.37
C GLY A 99 9.12 23.77 3.83
N PRO A 100 9.06 22.79 4.73
CA PRO A 100 9.22 21.40 4.32
C PRO A 100 8.11 20.94 3.39
N LEU A 101 8.43 19.97 2.54
CA LEU A 101 7.48 19.36 1.63
C LEU A 101 6.46 18.52 2.38
N LEU A 102 5.19 18.75 2.08
CA LEU A 102 4.13 18.09 2.83
C LEU A 102 3.13 17.65 1.83
N LEU A 103 2.71 16.40 1.92
CA LEU A 103 1.63 15.97 1.06
C LEU A 103 0.39 15.88 1.88
N ILE A 104 -0.69 16.46 1.36
CA ILE A 104 -1.97 16.47 2.03
C ILE A 104 -2.89 15.40 1.45
N VAL A 105 -3.16 14.39 2.26
CA VAL A 105 -3.93 13.26 1.80
C VAL A 105 -5.14 13.01 2.69
N GLU A 106 -6.01 12.10 2.22
CA GLU A 106 -7.15 11.59 2.91
C GLU A 106 -6.87 11.02 4.32
N TYR A 107 -7.65 11.48 5.27
CA TYR A 107 -7.55 10.99 6.63
C TYR A 107 -8.48 9.77 6.78
N ALA A 108 -7.95 8.69 7.39
CA ALA A 108 -8.73 7.47 7.55
C ALA A 108 -9.05 7.27 9.02
N LYS A 109 -10.30 7.57 9.38
CA LYS A 109 -10.87 7.43 10.73
C LYS A 109 -10.41 6.20 11.55
N TYR A 110 -10.13 5.08 10.89
CA TYR A 110 -9.79 3.89 11.68
C TYR A 110 -8.31 3.47 11.66
N GLY A 111 -7.43 4.28 11.06
CA GLY A 111 -6.00 3.90 11.01
C GLY A 111 -5.67 2.78 10.02
N SER A 112 -4.50 2.16 10.18
CA SER A 112 -4.05 1.12 9.27
C SER A 112 -4.89 -0.15 9.42
N LEU A 113 -4.94 -0.94 8.37
CA LEU A 113 -5.62 -2.21 8.45
C LEU A 113 -4.98 -3.11 9.51
N ARG A 114 -3.66 -3.05 9.64
CA ARG A 114 -2.99 -3.93 10.61
C ARG A 114 -3.42 -3.61 12.05
N GLY A 115 -3.50 -2.33 12.41
CA GLY A 115 -3.87 -1.96 13.76
C GLY A 115 -5.36 -2.26 14.00
N PHE A 116 -6.16 -2.01 12.98
CA PHE A 116 -7.58 -2.26 13.03
C PHE A 116 -7.83 -3.75 13.30
N LEU A 117 -7.13 -4.62 12.59
CA LEU A 117 -7.28 -6.05 12.82
C LEU A 117 -6.80 -6.47 14.19
N ARG A 118 -5.65 -5.98 14.60
CA ARG A 118 -5.04 -6.38 15.87
C ARG A 118 -5.88 -6.01 17.11
N GLU A 119 -6.62 -4.91 17.02
CA GLU A 119 -7.51 -4.47 18.09
C GLU A 119 -8.92 -5.06 17.90
N SER A 120 -9.04 -6.15 17.14
CA SER A 120 -10.35 -6.79 16.98
C SER A 120 -10.35 -8.31 17.34
N ARG A 121 -11.49 -8.97 17.09
CA ARG A 121 -11.70 -10.39 17.42
C ARG A 121 -12.61 -11.06 16.39
N LYS A 122 -12.41 -12.36 16.17
CA LYS A 122 -13.21 -13.09 15.18
C LYS A 122 -14.59 -13.47 15.74
N VAL A 123 -15.61 -13.39 14.90
CA VAL A 123 -17.00 -13.68 15.28
C VAL A 123 -17.72 -14.42 14.17
N ARG A 145 -13.46 -5.14 19.44
CA ARG A 145 -14.24 -5.06 18.20
C ARG A 145 -14.51 -6.46 17.63
N ALA A 146 -15.76 -6.70 17.23
CA ALA A 146 -16.21 -8.00 16.69
C ALA A 146 -16.37 -7.98 15.18
N LEU A 147 -15.78 -8.98 14.51
CA LEU A 147 -15.73 -9.04 13.06
C LEU A 147 -16.07 -10.44 12.54
N THR A 148 -16.98 -10.52 11.59
CA THR A 148 -17.29 -11.80 10.98
C THR A 148 -16.15 -12.20 10.03
N MET A 149 -16.17 -13.42 9.47
CA MET A 149 -15.27 -13.70 8.34
C MET A 149 -15.85 -13.09 7.06
N GLY A 150 -17.11 -12.69 7.11
CA GLY A 150 -17.70 -11.98 5.99
C GLY A 150 -17.19 -10.54 5.88
N ASP A 151 -16.85 -9.93 7.02
CA ASP A 151 -16.26 -8.59 7.03
C ASP A 151 -14.82 -8.72 6.56
N LEU A 152 -14.08 -9.65 7.17
CA LEU A 152 -12.72 -10.00 6.72
C LEU A 152 -12.57 -10.12 5.20
N ILE A 153 -13.46 -10.87 4.56
CA ILE A 153 -13.40 -11.14 3.13
C ILE A 153 -13.82 -9.91 2.34
N SER A 154 -14.72 -9.14 2.94
CA SER A 154 -15.13 -7.89 2.34
C SER A 154 -13.89 -6.98 2.24
N PHE A 155 -13.12 -6.87 3.33
CA PHE A 155 -11.86 -6.09 3.34
C PHE A 155 -10.92 -6.48 2.18
N ALA A 156 -10.67 -7.78 2.05
CA ALA A 156 -9.83 -8.38 1.01
C ALA A 156 -10.31 -8.01 -0.39
N TRP A 157 -11.64 -8.03 -0.55
CA TRP A 157 -12.27 -7.74 -1.82
C TRP A 157 -12.09 -6.27 -2.22
N GLN A 158 -12.34 -5.36 -1.29
CA GLN A 158 -12.15 -3.96 -1.61
C GLN A 158 -10.71 -3.67 -2.08
N ILE A 159 -9.73 -4.23 -1.37
CA ILE A 159 -8.36 -4.16 -1.79
C ILE A 159 -8.11 -4.73 -3.19
N SER A 160 -8.68 -5.89 -3.51
CA SER A 160 -8.59 -6.48 -4.84
C SER A 160 -9.05 -5.56 -5.99
N GLN A 161 -10.23 -4.95 -5.81
CA GLN A 161 -10.74 -3.92 -6.76
C GLN A 161 -9.80 -2.76 -6.89
N GLY A 162 -9.30 -2.26 -5.76
CA GLY A 162 -8.25 -1.22 -5.77
C GLY A 162 -7.10 -1.62 -6.65
N MET A 163 -6.60 -2.82 -6.43
CA MET A 163 -5.44 -3.37 -7.14
C MET A 163 -5.66 -3.65 -8.63
N GLN A 164 -6.87 -4.09 -8.97
CA GLN A 164 -7.23 -4.31 -10.37
C GLN A 164 -7.17 -2.99 -11.14
N TYR A 165 -7.65 -1.94 -10.48
CA TYR A 165 -7.58 -0.60 -11.02
C TYR A 165 -6.16 -0.10 -11.26
N LEU A 166 -5.29 -0.25 -10.25
CA LEU A 166 -3.88 0.22 -10.40
C LEU A 166 -3.18 -0.66 -11.42
N ALA A 167 -3.54 -1.95 -11.44
CA ALA A 167 -2.93 -2.82 -12.46
C ALA A 167 -3.35 -2.34 -13.84
N GLU A 168 -4.62 -1.96 -13.97
CA GLU A 168 -5.09 -1.42 -15.26
C GLU A 168 -4.37 -0.14 -15.63
N MET A 169 -3.99 0.66 -14.63
CA MET A 169 -3.23 1.88 -14.88
CA MET A 169 -3.22 1.88 -14.88
CA MET A 169 -3.21 1.88 -14.84
C MET A 169 -1.76 1.54 -15.17
N LYS A 170 -1.45 0.25 -15.20
CA LYS A 170 -0.05 -0.19 -15.41
C LYS A 170 0.85 0.31 -14.26
N LEU A 171 0.36 0.12 -13.05
CA LEU A 171 1.11 0.53 -11.89
C LEU A 171 1.36 -0.65 -11.00
N VAL A 172 2.62 -0.87 -10.65
CA VAL A 172 2.96 -1.89 -9.65
C VAL A 172 3.15 -1.24 -8.29
N HIS A 173 2.31 -1.57 -7.31
CA HIS A 173 2.43 -0.97 -5.97
C HIS A 173 3.76 -1.31 -5.27
N ARG A 174 4.14 -2.59 -5.28
CA ARG A 174 5.35 -3.17 -4.68
C ARG A 174 5.31 -3.46 -3.15
N ASP A 175 4.55 -2.69 -2.41
CA ASP A 175 4.63 -2.72 -0.96
C ASP A 175 3.25 -2.98 -0.34
N LEU A 176 2.46 -3.83 -0.98
CA LEU A 176 1.12 -4.18 -0.52
C LEU A 176 1.21 -5.01 0.73
N ALA A 177 0.55 -4.56 1.81
CA ALA A 177 0.65 -5.15 3.13
C ALA A 177 -0.42 -4.47 3.93
N ALA A 178 -0.89 -5.14 4.99
CA ALA A 178 -1.92 -4.59 5.93
C ALA A 178 -1.57 -3.26 6.55
N ARG A 179 -0.28 -3.02 6.80
CA ARG A 179 0.18 -1.73 7.36
C ARG A 179 0.08 -0.61 6.34
N ASN A 180 -0.07 -0.98 5.08
CA ASN A 180 -0.18 -0.05 3.95
C ASN A 180 -1.59 0.12 3.41
N ILE A 181 -2.55 -0.46 4.10
CA ILE A 181 -3.96 -0.25 3.78
C ILE A 181 -4.61 0.51 4.93
N LEU A 182 -5.38 1.54 4.60
CA LEU A 182 -6.12 2.28 5.60
C LEU A 182 -7.60 1.93 5.60
N VAL A 183 -8.15 1.98 6.79
CA VAL A 183 -9.55 1.76 6.99
C VAL A 183 -10.25 3.09 7.16
N ALA A 184 -10.93 3.52 6.12
CA ALA A 184 -11.66 4.77 6.18
C ALA A 184 -13.13 4.59 6.71
N GLU A 185 -13.85 5.70 6.82
CA GLU A 185 -15.23 5.71 7.29
C GLU A 185 -16.09 4.67 6.53
N GLY A 186 -16.91 3.92 7.25
CA GLY A 186 -17.72 2.88 6.63
C GLY A 186 -16.95 1.59 6.55
N ARG A 187 -15.86 1.52 7.32
CA ARG A 187 -14.88 0.45 7.16
C ARG A 187 -14.52 0.26 5.67
N LYS A 188 -14.08 1.35 5.04
CA LYS A 188 -13.70 1.36 3.63
C LYS A 188 -12.19 1.31 3.50
N MET A 189 -11.71 0.32 2.75
CA MET A 189 -10.29 0.11 2.53
C MET A 189 -9.73 1.16 1.56
N LYS A 190 -8.57 1.69 1.89
CA LYS A 190 -7.87 2.63 1.00
C LYS A 190 -6.43 2.18 0.86
N ILE A 191 -5.99 1.91 -0.36
CA ILE A 191 -4.61 1.57 -0.56
C ILE A 191 -3.79 2.85 -0.43
N SER A 192 -2.71 2.77 0.34
CA SER A 192 -1.83 3.88 0.50
C SER A 192 -0.37 3.53 0.27
N ASP A 193 0.49 4.50 0.58
CA ASP A 193 1.94 4.34 0.53
C ASP A 193 2.46 3.98 -0.85
N PHE A 194 2.43 5.00 -1.72
CA PHE A 194 2.81 4.87 -3.12
C PHE A 194 4.26 5.26 -3.36
N GLY A 195 5.01 5.38 -2.26
CA GLY A 195 6.44 5.63 -2.33
C GLY A 195 7.28 4.71 -3.22
N LEU A 196 7.04 3.41 -3.14
CA LEU A 196 7.78 2.38 -3.86
C LEU A 196 7.09 2.01 -5.20
N SER A 197 5.89 2.53 -5.48
CA SER A 197 5.17 2.21 -6.74
C SER A 197 5.90 2.64 -7.95
N ARG A 198 5.72 1.89 -9.04
CA ARG A 198 6.48 2.14 -10.24
C ARG A 198 5.58 1.96 -11.45
N ASP A 199 5.79 2.81 -12.45
CA ASP A 199 5.14 2.68 -13.76
C ASP A 199 5.71 1.54 -14.61
N VAL A 200 4.85 0.68 -15.14
CA VAL A 200 5.27 -0.44 -16.01
C VAL A 200 4.53 -0.52 -17.39
N TYR A 201 4.11 0.64 -17.90
CA TYR A 201 3.48 0.76 -19.21
C TYR A 201 4.31 0.14 -20.34
N GLU A 202 5.60 0.45 -20.34
CA GLU A 202 6.47 0.12 -21.46
C GLU A 202 6.74 -1.36 -21.56
N GLU A 203 7.14 -1.94 -20.43
CA GLU A 203 7.77 -3.25 -20.38
C GLU A 203 7.01 -4.28 -19.55
N ASP A 204 5.93 -3.85 -18.93
CA ASP A 204 5.17 -4.64 -17.96
C ASP A 204 5.96 -5.18 -16.76
N SER A 205 7.17 -4.67 -16.52
CA SER A 205 7.96 -5.06 -15.34
C SER A 205 8.74 -3.90 -14.83
N PTR A 206 9.01 -3.91 -13.53
CA PTR A 206 9.96 -2.95 -12.97
C PTR A 206 11.12 -3.77 -12.40
O PTR A 206 10.94 -4.72 -11.63
CB PTR A 206 9.33 -1.97 -11.95
CG PTR A 206 10.37 -1.22 -11.15
CD1 PTR A 206 10.73 -1.65 -9.87
CD2 PTR A 206 11.03 -0.12 -11.70
CE1 PTR A 206 11.70 -0.98 -9.15
CE2 PTR A 206 12.01 0.55 -10.98
CZ PTR A 206 12.36 0.11 -9.70
OH PTR A 206 13.23 0.66 -9.02
P PTR A 206 14.05 1.99 -9.32
O1P PTR A 206 14.94 1.81 -10.51
O2P PTR A 206 14.89 2.25 -8.03
O3P PTR A 206 13.17 3.25 -9.57
N VAL A 207 12.32 -3.40 -12.80
CA VAL A 207 13.50 -4.14 -12.35
C VAL A 207 14.38 -3.18 -11.62
N LYS A 208 14.75 -3.55 -10.40
CA LYS A 208 15.67 -2.76 -9.60
C LYS A 208 16.99 -3.52 -9.43
N ARG A 209 18.10 -2.94 -9.90
CA ARG A 209 19.42 -3.53 -9.77
C ARG A 209 19.92 -3.69 -8.31
N SER A 210 19.80 -2.64 -7.50
CA SER A 210 20.22 -2.69 -6.13
C SER A 210 19.13 -3.41 -5.33
N GLN A 211 19.41 -3.61 -4.06
CA GLN A 211 18.51 -4.27 -3.11
C GLN A 211 17.35 -3.34 -2.79
N GLY A 212 16.15 -3.90 -2.79
CA GLY A 212 14.97 -3.13 -2.53
C GLY A 212 14.67 -2.93 -1.05
N ARG A 213 13.77 -2.01 -0.82
CA ARG A 213 13.38 -1.68 0.50
C ARG A 213 12.03 -2.22 0.89
N ILE A 214 11.51 -3.24 0.19
CA ILE A 214 10.26 -3.89 0.62
C ILE A 214 10.67 -4.99 1.57
N PRO A 215 10.00 -5.11 2.72
CA PRO A 215 10.14 -6.27 3.62
C PRO A 215 10.17 -7.64 2.92
N VAL A 216 11.23 -8.39 3.19
CA VAL A 216 11.48 -9.67 2.58
C VAL A 216 10.22 -10.54 2.60
N LYS A 217 9.49 -10.52 3.71
CA LYS A 217 8.42 -11.49 3.94
C LYS A 217 7.15 -11.22 3.10
N TRP A 218 7.16 -10.09 2.40
CA TRP A 218 6.07 -9.72 1.49
C TRP A 218 6.43 -9.78 0.01
N MET A 219 7.69 -10.08 -0.30
CA MET A 219 8.14 -10.04 -1.68
C MET A 219 7.93 -11.38 -2.38
N ALA A 220 7.60 -11.32 -3.67
CA ALA A 220 7.41 -12.53 -4.46
C ALA A 220 8.77 -13.20 -4.62
N ILE A 221 8.79 -14.48 -4.92
CA ILE A 221 10.06 -15.20 -5.06
C ILE A 221 10.95 -14.60 -6.18
N GLU A 222 10.40 -14.16 -7.29
CA GLU A 222 11.21 -13.55 -8.37
C GLU A 222 11.71 -12.16 -8.02
N SER A 223 11.01 -11.48 -7.11
CA SER A 223 11.44 -10.16 -6.69
C SER A 223 12.68 -10.34 -5.80
N LEU A 224 12.59 -11.28 -4.85
CA LEU A 224 13.70 -11.62 -3.95
C LEU A 224 15.00 -12.07 -4.65
N PHE A 225 14.88 -13.06 -5.53
CA PHE A 225 16.04 -13.59 -6.26
C PHE A 225 16.46 -12.76 -7.49
N ASP A 226 15.50 -12.27 -8.26
CA ASP A 226 15.85 -11.66 -9.55
C ASP A 226 15.58 -10.17 -9.64
N HIS A 227 14.93 -9.58 -8.61
CA HIS A 227 14.70 -8.10 -8.54
C HIS A 227 13.68 -7.60 -9.58
N ILE A 228 12.77 -8.49 -9.94
CA ILE A 228 11.74 -8.25 -10.95
C ILE A 228 10.42 -8.03 -10.24
N TYR A 229 9.74 -6.94 -10.57
CA TYR A 229 8.42 -6.63 -9.99
C TYR A 229 7.35 -6.44 -11.09
N THR A 230 6.24 -7.12 -10.98
CA THR A 230 5.15 -6.96 -11.98
C THR A 230 3.84 -7.01 -11.20
N THR A 231 2.72 -6.90 -11.92
CA THR A 231 1.44 -6.97 -11.28
C THR A 231 1.29 -8.32 -10.60
N GLN A 232 1.93 -9.34 -11.13
CA GLN A 232 1.85 -10.68 -10.57
C GLN A 232 2.65 -10.83 -9.26
N SER A 233 3.72 -10.06 -9.08
CA SER A 233 4.37 -10.05 -7.78
C SER A 233 3.53 -9.24 -6.76
N ASP A 234 2.75 -8.26 -7.24
CA ASP A 234 1.69 -7.63 -6.42
C ASP A 234 0.70 -8.66 -6.00
N VAL A 235 0.36 -9.55 -6.93
CA VAL A 235 -0.50 -10.67 -6.56
C VAL A 235 0.07 -11.50 -5.39
N TRP A 236 1.33 -11.90 -5.47
CA TRP A 236 1.97 -12.55 -4.33
C TRP A 236 1.82 -11.76 -3.01
N SER A 237 2.07 -10.45 -3.03
CA SER A 237 1.92 -9.66 -1.79
C SER A 237 0.51 -9.70 -1.31
N PHE A 238 -0.42 -9.70 -2.26
CA PHE A 238 -1.82 -9.74 -1.88
C PHE A 238 -2.13 -11.04 -1.11
N GLY A 239 -1.53 -12.14 -1.53
CA GLY A 239 -1.67 -13.40 -0.79
C GLY A 239 -1.14 -13.31 0.62
N VAL A 240 -0.01 -12.62 0.82
CA VAL A 240 0.50 -12.39 2.17
C VAL A 240 -0.50 -11.52 2.95
N LEU A 241 -0.99 -10.47 2.31
CA LEU A 241 -1.96 -9.62 2.93
C LEU A 241 -3.26 -10.42 3.31
N LEU A 242 -3.76 -11.29 2.44
CA LEU A 242 -4.89 -12.18 2.85
C LEU A 242 -4.61 -12.93 4.14
N TRP A 243 -3.44 -13.55 4.17
CA TRP A 243 -3.00 -14.23 5.38
C TRP A 243 -3.10 -13.35 6.63
N GLU A 244 -2.67 -12.08 6.47
CA GLU A 244 -2.72 -11.11 7.56
C GLU A 244 -4.16 -10.82 7.97
N ILE A 245 -5.02 -10.67 6.99
CA ILE A 245 -6.44 -10.39 7.25
C ILE A 245 -7.03 -11.56 8.02
N VAL A 246 -6.92 -12.75 7.43
CA VAL A 246 -7.42 -13.96 8.06
C VAL A 246 -6.92 -14.16 9.49
N THR A 247 -5.65 -13.83 9.77
CA THR A 247 -5.05 -14.02 11.11
C THR A 247 -5.30 -12.87 12.05
N LEU A 248 -6.11 -11.92 11.59
CA LEU A 248 -6.36 -10.68 12.31
C LEU A 248 -5.10 -9.95 12.69
N GLY A 249 -4.19 -9.79 11.73
CA GLY A 249 -2.95 -9.02 11.97
C GLY A 249 -1.78 -9.82 12.47
N GLY A 250 -1.71 -11.11 12.12
CA GLY A 250 -0.57 -11.94 12.45
C GLY A 250 0.69 -11.48 11.73
N ASN A 251 1.84 -12.03 12.14
CA ASN A 251 3.11 -11.77 11.49
C ASN A 251 3.47 -12.92 10.54
N PRO A 252 3.61 -12.63 9.23
CA PRO A 252 3.95 -13.65 8.25
C PRO A 252 5.13 -14.52 8.68
N TYR A 253 5.09 -15.80 8.31
CA TYR A 253 6.23 -16.69 8.60
C TYR A 253 6.71 -16.50 10.05
N PRO A 254 5.80 -16.63 11.06
CA PRO A 254 6.23 -16.29 12.42
C PRO A 254 7.43 -17.09 12.92
N GLY A 255 8.40 -16.41 13.52
CA GLY A 255 9.56 -17.07 14.10
C GLY A 255 10.62 -17.59 13.14
N ILE A 256 10.41 -17.30 11.86
CA ILE A 256 11.32 -17.72 10.80
C ILE A 256 12.08 -16.45 10.41
N PRO A 257 13.42 -16.43 10.52
CA PRO A 257 14.15 -15.20 10.17
C PRO A 257 14.07 -14.86 8.66
N PRO A 258 14.07 -13.55 8.30
CA PRO A 258 13.95 -13.20 6.89
C PRO A 258 14.95 -13.88 5.96
N GLU A 259 16.20 -14.00 6.37
CA GLU A 259 17.22 -14.61 5.51
C GLU A 259 16.94 -16.08 5.15
N ARG A 260 16.09 -16.73 5.95
CA ARG A 260 15.78 -18.13 5.71
C ARG A 260 14.81 -18.25 4.54
N LEU A 261 14.29 -17.11 4.10
CA LEU A 261 13.18 -17.13 3.15
C LEU A 261 13.64 -17.51 1.77
N PHE A 262 14.87 -17.13 1.44
CA PHE A 262 15.36 -17.52 0.13
C PHE A 262 15.21 -19.01 -0.05
N ASN A 263 15.80 -19.77 0.86
CA ASN A 263 15.84 -21.21 0.70
C ASN A 263 14.47 -21.84 0.89
N LEU A 264 13.67 -21.34 1.82
CA LEU A 264 12.38 -21.97 2.05
C LEU A 264 11.48 -21.76 0.87
N LEU A 265 11.44 -20.53 0.34
CA LEU A 265 10.71 -20.27 -0.89
C LEU A 265 11.20 -21.09 -2.06
N LYS A 266 12.51 -21.12 -2.33
CA LYS A 266 12.92 -21.79 -3.58
C LYS A 266 12.77 -23.30 -3.46
N THR A 267 12.76 -23.81 -2.24
CA THR A 267 12.58 -25.24 -2.06
C THR A 267 11.09 -25.57 -1.96
N GLY A 268 10.24 -24.59 -2.27
CA GLY A 268 8.82 -24.82 -2.43
C GLY A 268 7.93 -24.71 -1.21
N HIS A 269 8.47 -24.17 -0.12
CA HIS A 269 7.74 -24.02 1.14
C HIS A 269 6.86 -22.76 1.18
N ARG A 270 5.75 -22.86 1.91
CA ARG A 270 4.75 -21.80 2.00
C ARG A 270 4.17 -21.82 3.40
N MET A 271 3.53 -20.71 3.81
CA MET A 271 2.89 -20.68 5.12
C MET A 271 1.77 -21.71 5.14
N GLU A 272 1.64 -22.41 6.28
CA GLU A 272 0.54 -23.36 6.53
C GLU A 272 -0.78 -22.60 6.59
N ARG A 273 -1.87 -23.32 6.40
CA ARG A 273 -3.22 -22.83 6.61
C ARG A 273 -3.32 -22.36 8.05
N PRO A 274 -3.64 -21.06 8.26
CA PRO A 274 -3.74 -20.60 9.64
C PRO A 274 -5.07 -21.06 10.23
N ASP A 275 -5.26 -20.81 11.52
CA ASP A 275 -6.50 -21.14 12.19
C ASP A 275 -7.61 -20.27 11.68
N ASN A 276 -8.83 -20.78 11.79
CA ASN A 276 -10.04 -20.03 11.43
C ASN A 276 -9.98 -19.55 10.00
N CYS A 277 -9.30 -20.32 9.16
CA CYS A 277 -9.24 -20.05 7.73
C CYS A 277 -9.97 -21.17 6.99
N SER A 278 -10.86 -20.78 6.07
CA SER A 278 -11.58 -21.74 5.24
C SER A 278 -10.64 -22.32 4.22
N GLU A 279 -11.02 -23.43 3.60
CA GLU A 279 -10.13 -24.03 2.62
C GLU A 279 -10.07 -23.23 1.32
N GLU A 280 -11.13 -22.50 0.99
CA GLU A 280 -11.20 -21.77 -0.30
C GLU A 280 -10.36 -20.50 -0.24
N MET A 281 -10.26 -19.96 0.97
CA MET A 281 -9.42 -18.82 1.27
C MET A 281 -7.93 -19.21 1.23
N TYR A 282 -7.55 -20.24 1.96
CA TYR A 282 -6.18 -20.75 1.95
C TYR A 282 -5.77 -21.19 0.55
N ARG A 283 -6.70 -21.80 -0.17
CA ARG A 283 -6.50 -22.18 -1.58
C ARG A 283 -6.18 -20.97 -2.46
N LEU A 284 -6.84 -19.86 -2.16
CA LEU A 284 -6.56 -18.59 -2.83
C LEU A 284 -5.17 -18.04 -2.50
N MET A 285 -4.77 -17.96 -1.23
CA MET A 285 -3.37 -17.59 -0.85
C MET A 285 -2.36 -18.46 -1.60
N LEU A 286 -2.53 -19.79 -1.54
CA LEU A 286 -1.61 -20.73 -2.18
C LEU A 286 -1.44 -20.40 -3.63
N GLN A 287 -2.53 -20.00 -4.30
CA GLN A 287 -2.44 -19.60 -5.69
C GLN A 287 -1.73 -18.25 -5.96
N CYS A 288 -1.73 -17.35 -4.97
CA CYS A 288 -1.05 -16.08 -5.16
C CYS A 288 0.45 -16.32 -4.99
N TRP A 289 0.79 -17.44 -4.34
CA TRP A 289 2.18 -17.81 -4.10
C TRP A 289 2.74 -18.91 -5.05
N LYS A 290 2.10 -19.14 -6.18
CA LYS A 290 2.70 -20.06 -7.14
C LYS A 290 4.08 -19.54 -7.51
N GLN A 291 5.04 -20.44 -7.70
CA GLN A 291 6.39 -20.05 -8.11
C GLN A 291 6.41 -19.23 -9.40
N GLU A 292 5.57 -19.63 -10.36
CA GLU A 292 5.56 -19.05 -11.69
C GLU A 292 4.51 -17.96 -11.71
N PRO A 293 4.94 -16.71 -11.93
CA PRO A 293 4.06 -15.54 -11.85
C PRO A 293 2.78 -15.70 -12.69
N ASP A 294 2.91 -16.30 -13.87
CA ASP A 294 1.80 -16.71 -14.75
C ASP A 294 0.75 -17.65 -14.23
N LYS A 295 1.06 -18.49 -13.25
CA LYS A 295 0.06 -19.41 -12.71
C LYS A 295 -0.79 -18.82 -11.58
N ARG A 296 -0.39 -17.65 -11.09
CA ARG A 296 -1.15 -16.87 -10.10
C ARG A 296 -2.39 -16.21 -10.73
N PRO A 297 -3.46 -16.05 -9.95
CA PRO A 297 -4.63 -15.38 -10.55
C PRO A 297 -4.27 -13.92 -10.79
N VAL A 298 -5.10 -13.24 -11.58
CA VAL A 298 -5.04 -11.80 -11.76
C VAL A 298 -6.08 -11.21 -10.82
N PHE A 299 -5.89 -9.96 -10.42
CA PHE A 299 -6.82 -9.31 -9.48
C PHE A 299 -8.32 -9.43 -9.86
N ALA A 300 -8.65 -9.29 -11.13
CA ALA A 300 -10.04 -9.53 -11.59
C ALA A 300 -10.61 -10.87 -11.13
N ASP A 301 -9.82 -11.95 -11.27
CA ASP A 301 -10.28 -13.28 -10.86
C ASP A 301 -10.22 -13.50 -9.33
N ILE A 302 -9.23 -12.94 -8.67
CA ILE A 302 -9.23 -12.81 -7.19
C ILE A 302 -10.51 -12.17 -6.62
N SER A 303 -10.92 -11.04 -7.19
CA SER A 303 -12.12 -10.35 -6.76
C SER A 303 -13.38 -11.23 -6.92
N LYS A 304 -13.47 -11.91 -8.06
CA LYS A 304 -14.58 -12.83 -8.32
C LYS A 304 -14.55 -13.94 -7.25
N ASP A 305 -13.38 -14.51 -6.99
CA ASP A 305 -13.23 -15.55 -5.97
C ASP A 305 -13.71 -15.13 -4.59
N LEU A 306 -13.37 -13.90 -4.20
CA LEU A 306 -13.76 -13.40 -2.88
C LEU A 306 -15.26 -13.10 -2.79
N GLU A 307 -15.85 -12.66 -3.90
CA GLU A 307 -17.26 -12.30 -3.89
C GLU A 307 -18.08 -13.60 -3.77
N LYS A 308 -17.63 -14.64 -4.46
CA LYS A 308 -18.14 -16.01 -4.24
C LYS A 308 -18.12 -16.36 -2.73
N MET A 309 -16.92 -16.32 -2.11
CA MET A 309 -16.73 -16.73 -0.69
C MET A 309 -17.64 -16.00 0.26
N MET A 310 -17.83 -14.71 -0.04
CA MET A 310 -18.61 -13.78 0.78
C MET A 310 -20.12 -14.08 0.89
N VAL A 311 -20.57 -15.22 0.34
CA VAL A 311 -21.97 -15.64 0.47
C VAL A 311 -22.11 -17.08 1.02
C FMT B . 5.66 24.32 3.21
O1 FMT B . 5.28 25.48 3.08
O2 FMT B . 5.53 23.70 4.26
C FMT C . 13.07 0.08 -3.37
O1 FMT C . 12.60 -0.98 -2.95
O2 FMT C . 12.46 0.89 -4.11
C FMT D . 18.94 -11.02 -4.50
O1 FMT D . 19.70 -10.05 -4.71
O2 FMT D . 19.30 -12.21 -4.45
C FMT E . -9.84 17.07 -4.45
O1 FMT E . -8.92 16.28 -4.23
O2 FMT E . -10.91 17.10 -3.83
CAH X2L F . -3.31 6.20 11.64
CAO X2L F . -4.00 5.98 12.85
CAM X2L F . -5.30 6.48 12.98
OAB X2L F . -5.94 6.25 14.17
CAP X2L F . -5.88 7.20 11.92
CAI X2L F . -5.17 7.41 10.72
CAQ X2L F . -3.86 6.90 10.56
CAF X2L F . -3.03 7.07 9.41
CAS X2L F . -3.25 7.67 8.14
CAU X2L F . -2.35 7.56 7.08
CAK X2L F . -1.13 6.93 6.92
CAN X2L F . -0.47 6.99 5.69
CAG X2L F . -0.97 7.66 4.60
CAJ X2L F . -2.20 8.29 4.75
CAT X2L F . -2.90 8.25 5.97
CAA X2L F . -7.42 6.20 14.25
NAL X2L F . -4.08 8.76 6.34
CAR X2L F . -4.29 8.45 7.63
NAB X2L F . 0.71 6.37 5.59
OAA X2L F . -5.30 8.81 8.20
#